data_7ARA
#
_entry.id   7ARA
#
_cell.length_a   74.647
_cell.length_b   74.647
_cell.length_c   160.831
_cell.angle_alpha   90.000
_cell.angle_beta   90.000
_cell.angle_gamma   120.000
#
_symmetry.space_group_name_H-M   'P 32 2 1'
#
loop_
_entity.id
_entity.type
_entity.pdbx_description
1 polymer '2A protease'
2 non-polymer '(phenylmethyl) ~{N}-[(2~{R})-3-methyl-1-[[(2~{S})-1-[[(3~{S})-1-methylsulfanyl-4-oxidanylidene-pentan-3-yl]amino]-1-oxidanylidene-propan-2-yl]amino]-1-oxidanylidene-butan-2-yl]carbamate'
3 non-polymer 'ZINC ION'
4 non-polymer '(phenylmethyl) ~{N}-[(2~{S})-3-methyl-1-[[(2~{R})-1-[[(3~{R})-1-methylsulfanyl-4-oxidanylidene-pentan-3-yl]amino]-1-oxidanylidene-propan-2-yl]amino]-1-oxidanylidene-butan-2-yl]carbamate'
5 water water
#
_entity_poly.entity_id   1
_entity_poly.type   'polypeptide(L)'
_entity_poly.pdbx_seq_one_letter_code
;GPSDMYVHVGNLIYRNLHLFNSEMHESILVSYSSDLIIYRTNTVGDDYIPSCDCTQATYYCKHKNRYFPITVTSHDWYEI
QESEYYPKHIQYNLLIGEGPCEPGDCGGKLLCKHGVIGIVTAGGDNHVAFIDLRHFHCAEEQ
;
_entity_poly.pdbx_strand_id   A,B
#
loop_
_chem_comp.id
_chem_comp.type
_chem_comp.name
_chem_comp.formula
S7N non-polymer '(phenylmethyl) ~{N}-[(2~{R})-3-methyl-1-[[(2~{S})-1-[[(3~{S})-1-methylsulfanyl-4-oxidanylidene-pentan-3-yl]amino]-1-oxidanylidene-propan-2-yl]amino]-1-oxidanylidene-butan-2-yl]carbamate' 'C22 H33 N3 O5 S'
S7Q non-polymer '(phenylmethyl) ~{N}-[(2~{S})-3-methyl-1-[[(2~{R})-1-[[(3~{R})-1-methylsulfanyl-4-oxidanylidene-pentan-3-yl]amino]-1-oxidanylidene-propan-2-yl]amino]-1-oxidanylidene-butan-2-yl]carbamate' 'C22 H33 N3 O5 S'
ZN non-polymer 'ZINC ION' 'Zn 2'
#
# COMPACT_ATOMS: atom_id res chain seq x y z
N GLY A 1 1.72 1.49 -11.49
CA GLY A 1 2.13 0.43 -10.59
C GLY A 1 2.32 0.93 -9.18
N PRO A 2 2.13 0.05 -8.19
CA PRO A 2 2.20 0.44 -6.78
C PRO A 2 3.62 0.82 -6.35
N SER A 3 4.63 0.28 -7.03
CA SER A 3 6.00 0.50 -6.61
C SER A 3 6.67 1.58 -7.44
N ASP A 4 5.91 2.19 -8.34
CA ASP A 4 6.43 3.25 -9.19
C ASP A 4 6.59 4.57 -8.44
N MET A 5 7.81 5.09 -8.44
CA MET A 5 8.15 6.29 -7.68
C MET A 5 7.80 7.58 -8.40
N TYR A 6 6.57 7.65 -8.92
CA TYR A 6 6.10 8.83 -9.63
C TYR A 6 4.60 8.72 -9.87
N VAL A 7 3.94 9.86 -10.00
CA VAL A 7 2.53 9.83 -10.34
C VAL A 7 2.38 10.10 -11.82
N HIS A 8 1.65 9.22 -12.51
CA HIS A 8 1.50 9.31 -13.96
C HIS A 8 0.03 9.39 -14.34
N VAL A 9 -0.48 10.61 -14.52
CA VAL A 9 -1.87 10.83 -14.90
C VAL A 9 -2.02 11.31 -16.34
N GLY A 10 -2.68 10.52 -17.17
CA GLY A 10 -2.87 10.87 -18.57
C GLY A 10 -1.51 10.99 -19.25
N ASN A 11 -1.28 12.13 -19.88
CA ASN A 11 -0.01 12.37 -20.57
C ASN A 11 0.98 13.12 -19.69
N LEU A 12 0.68 13.19 -18.40
CA LEU A 12 1.51 13.97 -17.48
C LEU A 12 2.14 13.09 -16.40
N ILE A 13 3.35 13.45 -15.99
CA ILE A 13 4.05 12.73 -14.95
C ILE A 13 4.48 13.70 -13.84
N TYR A 14 4.40 13.25 -12.59
CA TYR A 14 4.67 14.11 -11.45
C TYR A 14 5.85 13.58 -10.65
N ARG A 15 6.92 14.37 -10.57
CA ARG A 15 8.15 13.93 -9.93
C ARG A 15 8.66 14.95 -8.94
N ASN A 16 9.66 14.55 -8.16
CA ASN A 16 10.31 15.49 -7.25
C ASN A 16 11.25 16.41 -7.99
N LEU A 17 11.06 17.71 -7.79
CA LEU A 17 11.84 18.72 -8.50
C LEU A 17 13.33 18.57 -8.25
N HIS A 18 13.72 18.27 -7.02
CA HIS A 18 15.13 18.24 -6.65
C HIS A 18 15.87 17.00 -7.17
N LEU A 19 15.15 16.13 -7.89
CA LEU A 19 15.76 14.92 -8.42
C LEU A 19 15.73 14.89 -9.95
N PHE A 20 14.83 15.66 -10.54
CA PHE A 20 14.65 15.64 -11.99
C PHE A 20 14.63 17.05 -12.58
N ASN A 21 15.61 17.85 -12.17
CA ASN A 21 15.72 19.24 -12.62
C ASN A 21 16.69 19.40 -13.79
N SER A 22 17.19 18.27 -14.29
CA SER A 22 18.12 18.28 -15.41
C SER A 22 17.45 18.69 -16.71
N GLU A 23 16.24 18.19 -16.93
CA GLU A 23 15.47 18.52 -18.12
C GLU A 23 14.40 19.55 -17.80
N MET A 24 14.69 20.40 -16.82
CA MET A 24 13.70 21.33 -16.27
C MET A 24 13.07 22.24 -17.33
N HIS A 25 13.88 22.77 -18.23
CA HIS A 25 13.41 23.75 -19.22
C HIS A 25 12.46 23.16 -20.25
N GLU A 26 12.28 21.85 -20.19
CA GLU A 26 11.41 21.11 -21.10
C GLU A 26 10.17 20.59 -20.36
N SER A 27 10.10 20.90 -19.06
CA SER A 27 8.97 20.53 -18.23
C SER A 27 7.77 21.41 -18.54
N ILE A 28 6.58 20.94 -18.19
CA ILE A 28 5.36 21.70 -18.47
C ILE A 28 4.88 22.46 -17.24
N LEU A 29 5.51 22.22 -16.09
CA LEU A 29 5.17 22.92 -14.85
C LEU A 29 6.22 22.72 -13.75
N VAL A 30 6.49 23.78 -12.99
CA VAL A 30 7.49 23.74 -11.93
C VAL A 30 7.05 24.59 -10.73
N SER A 31 7.18 24.03 -9.53
CA SER A 31 6.94 24.76 -8.30
C SER A 31 8.14 24.66 -7.37
N TYR A 32 9.01 25.68 -7.41
CA TYR A 32 10.26 25.66 -6.65
C TYR A 32 10.02 25.56 -5.15
N SER A 33 8.90 26.11 -4.70
CA SER A 33 8.59 26.14 -3.27
C SER A 33 8.04 24.80 -2.78
N SER A 34 7.45 24.03 -3.68
CA SER A 34 6.79 22.79 -3.27
C SER A 34 7.50 21.53 -3.77
N ASP A 35 8.67 21.70 -4.39
CA ASP A 35 9.50 20.59 -4.88
C ASP A 35 8.77 19.73 -5.92
N LEU A 36 7.92 20.35 -6.72
CA LEU A 36 7.16 19.61 -7.72
C LEU A 36 7.62 19.94 -9.14
N ILE A 37 7.51 18.97 -10.03
CA ILE A 37 7.75 19.22 -11.44
C ILE A 37 6.90 18.26 -12.28
N ILE A 38 6.44 18.72 -13.43
CA ILE A 38 5.58 17.92 -14.29
C ILE A 38 6.09 17.88 -15.73
N TYR A 39 6.28 16.68 -16.27
CA TYR A 39 6.71 16.50 -17.65
C TYR A 39 5.60 15.85 -18.50
N ARG A 40 5.63 16.10 -19.81
CA ARG A 40 4.77 15.39 -20.73
C ARG A 40 5.40 14.07 -21.15
N THR A 41 4.58 13.11 -21.57
CA THR A 41 5.10 11.85 -22.05
C THR A 41 4.14 11.24 -23.08
N ASN A 42 4.67 10.41 -23.96
CA ASN A 42 3.87 9.77 -24.99
C ASN A 42 2.88 8.77 -24.40
N THR A 43 3.35 7.95 -23.47
CA THR A 43 2.52 6.94 -22.81
C THR A 43 1.43 7.59 -21.95
N VAL A 44 0.33 6.87 -21.73
CA VAL A 44 -0.79 7.38 -20.94
C VAL A 44 -0.91 6.62 -19.63
N GLY A 45 -1.11 7.36 -18.53
CA GLY A 45 -1.08 6.77 -17.20
C GLY A 45 -2.41 6.30 -16.63
N ASP A 46 -2.31 5.39 -15.66
CA ASP A 46 -3.49 4.84 -14.98
C ASP A 46 -3.80 5.61 -13.70
N ASP A 47 -2.79 6.28 -13.14
CA ASP A 47 -2.93 6.99 -11.86
C ASP A 47 -4.06 8.03 -11.92
N TYR A 48 -4.60 8.37 -10.75
CA TYR A 48 -5.68 9.35 -10.66
C TYR A 48 -5.56 10.20 -9.40
N ILE A 49 -5.49 11.51 -9.60
CA ILE A 49 -5.45 12.44 -8.48
C ILE A 49 -6.83 13.01 -8.19
N PRO A 50 -7.38 12.68 -7.02
CA PRO A 50 -8.73 13.11 -6.67
C PRO A 50 -8.78 14.56 -6.20
N SER A 51 -9.98 15.13 -6.19
CA SER A 51 -10.18 16.47 -5.66
C SER A 51 -10.96 16.39 -4.35
N CYS A 52 -10.34 15.79 -3.35
CA CYS A 52 -11.08 15.46 -2.14
C CYS A 52 -10.43 15.95 -0.85
N ASP A 53 -10.63 15.15 0.20
CA ASP A 53 -10.54 15.62 1.58
C ASP A 53 -9.66 14.74 2.46
N CYS A 54 -9.58 13.46 2.09
CA CYS A 54 -9.04 12.40 2.94
C CYS A 54 -7.78 12.71 3.75
N THR A 55 -7.72 12.17 4.96
CA THR A 55 -6.58 12.34 5.84
C THR A 55 -6.04 10.97 6.23
N GLN A 56 -6.86 9.96 5.98
CA GLN A 56 -6.56 8.57 6.31
C GLN A 56 -6.16 7.83 5.04
N ALA A 57 -4.89 7.43 4.99
CA ALA A 57 -4.23 7.03 3.75
C ALA A 57 -3.18 5.93 3.90
N THR A 58 -2.42 5.70 2.83
CA THR A 58 -1.38 4.68 2.79
C THR A 58 -0.29 5.13 1.80
N TYR A 59 0.96 4.76 2.06
CA TYR A 59 2.06 5.23 1.21
C TYR A 59 3.12 4.17 1.05
N TYR A 60 3.90 4.27 -0.03
CA TYR A 60 4.88 3.24 -0.33
C TYR A 60 6.27 3.61 0.17
N CYS A 61 6.82 2.75 1.01
CA CYS A 61 8.16 2.94 1.54
C CYS A 61 9.14 2.03 0.83
N LYS A 62 10.03 2.61 0.03
CA LYS A 62 10.89 1.81 -0.82
C LYS A 62 11.94 1.02 -0.05
N HIS A 63 12.56 1.63 0.96
CA HIS A 63 13.66 0.96 1.67
C HIS A 63 13.16 -0.20 2.53
N LYS A 64 11.85 -0.33 2.66
CA LYS A 64 11.25 -1.48 3.32
C LYS A 64 10.43 -2.27 2.29
N ASN A 65 10.28 -1.68 1.11
CA ASN A 65 9.57 -2.30 -0.01
C ASN A 65 8.18 -2.82 0.38
N ARG A 66 7.42 -1.99 1.07
CA ARG A 66 6.04 -2.33 1.38
C ARG A 66 5.24 -1.07 1.66
N TYR A 67 3.95 -1.24 1.86
CA TYR A 67 3.07 -0.12 2.15
C TYR A 67 2.83 0.04 3.65
N PHE A 68 2.71 1.29 4.09
CA PHE A 68 2.37 1.61 5.47
C PHE A 68 1.07 2.38 5.48
N PRO A 69 0.11 1.96 6.32
CA PRO A 69 -1.02 2.86 6.53
C PRO A 69 -0.51 4.10 7.24
N ILE A 70 -1.09 5.26 6.94
CA ILE A 70 -0.60 6.50 7.54
C ILE A 70 -1.72 7.53 7.63
N THR A 71 -1.69 8.31 8.72
CA THR A 71 -2.62 9.42 8.88
C THR A 71 -1.85 10.73 8.80
N VAL A 72 -2.23 11.55 7.82
CA VAL A 72 -1.45 12.73 7.46
C VAL A 72 -2.05 14.03 7.97
N THR A 73 -1.18 15.01 8.22
CA THR A 73 -1.61 16.33 8.66
C THR A 73 -1.22 17.38 7.64
N SER A 74 -2.21 18.11 7.13
CA SER A 74 -1.94 19.11 6.12
C SER A 74 -1.29 20.37 6.71
N HIS A 75 -0.01 20.57 6.40
CA HIS A 75 0.67 21.82 6.72
C HIS A 75 0.70 22.70 5.48
N ASP A 76 0.47 23.99 5.66
CA ASP A 76 0.60 24.91 4.55
C ASP A 76 2.08 25.24 4.35
N TRP A 77 2.88 25.02 5.39
CA TRP A 77 4.33 24.99 5.25
C TRP A 77 5.07 24.42 6.46
N TYR A 78 6.35 24.17 6.25
CA TYR A 78 7.23 23.55 7.23
C TYR A 78 8.64 23.66 6.63
N GLU A 79 9.65 23.70 7.48
CA GLU A 79 11.03 23.88 6.99
C GLU A 79 11.91 22.67 7.29
N ILE A 80 12.38 22.01 6.23
CA ILE A 80 13.27 20.86 6.35
C ILE A 80 14.72 21.28 6.64
N GLN A 81 15.52 20.34 7.17
CA GLN A 81 16.92 20.62 7.50
C GLN A 81 17.86 20.46 6.31
N GLU A 82 19.14 20.33 6.59
CA GLU A 82 20.15 20.27 5.54
C GLU A 82 20.85 18.93 5.48
N SER A 83 20.82 18.31 4.30
CA SER A 83 21.56 17.07 4.07
C SER A 83 22.88 17.37 3.37
N GLU A 84 23.23 16.56 2.39
CA GLU A 84 24.45 16.76 1.63
C GLU A 84 24.16 17.54 0.35
N TYR A 85 22.96 18.12 0.30
CA TYR A 85 22.61 19.05 -0.75
C TYR A 85 21.37 19.83 -0.31
N TYR A 86 21.18 21.00 -0.92
CA TYR A 86 20.07 21.89 -0.55
C TYR A 86 19.96 22.15 0.93
N PRO A 87 20.72 23.13 1.44
CA PRO A 87 20.67 23.50 2.86
C PRO A 87 19.25 23.72 3.38
N LYS A 88 19.09 23.79 4.70
CA LYS A 88 17.79 23.93 5.35
C LYS A 88 16.88 24.93 4.65
N HIS A 89 15.91 24.40 3.90
CA HIS A 89 14.97 25.24 3.18
C HIS A 89 13.56 25.07 3.74
N ILE A 90 12.65 25.94 3.30
CA ILE A 90 11.25 25.82 3.63
C ILE A 90 10.55 25.11 2.49
N GLN A 91 9.45 24.42 2.77
CA GLN A 91 8.69 23.77 1.72
C GLN A 91 7.21 24.03 1.96
N TYR A 92 6.44 24.17 0.89
CA TYR A 92 5.03 24.55 1.01
C TYR A 92 4.13 23.45 0.43
N ASN A 93 2.85 23.52 0.75
CA ASN A 93 1.86 22.53 0.32
C ASN A 93 2.26 21.11 0.68
N LEU A 94 2.40 20.85 1.98
CA LEU A 94 2.89 19.55 2.46
C LEU A 94 1.82 18.71 3.13
N LEU A 95 2.07 17.41 3.17
CA LEU A 95 1.33 16.50 4.04
C LEU A 95 2.36 15.79 4.90
N ILE A 96 2.06 15.65 6.19
CA ILE A 96 2.99 14.97 7.09
C ILE A 96 2.26 14.02 8.02
N GLY A 97 2.82 12.82 8.17
CA GLY A 97 2.30 11.83 9.11
C GLY A 97 3.45 11.01 9.67
N GLU A 98 3.15 10.11 10.60
CA GLU A 98 4.18 9.25 11.18
C GLU A 98 4.50 8.09 10.27
N GLY A 99 5.79 7.78 10.11
CA GLY A 99 6.21 6.71 9.23
C GLY A 99 7.69 6.74 8.93
N PRO A 100 8.27 5.58 8.63
CA PRO A 100 9.70 5.48 8.36
C PRO A 100 10.10 6.13 7.05
N CYS A 101 11.26 6.75 7.00
CA CYS A 101 11.76 7.33 5.76
C CYS A 101 13.27 7.51 5.75
N GLU A 102 13.90 6.96 4.71
CA GLU A 102 15.32 7.13 4.50
C GLU A 102 15.58 7.55 3.06
N PRO A 103 16.73 8.23 2.82
CA PRO A 103 17.11 8.67 1.48
C PRO A 103 16.86 7.63 0.39
N GLY A 104 16.30 8.07 -0.74
CA GLY A 104 15.97 7.19 -1.85
C GLY A 104 14.51 6.80 -1.88
N ASP A 105 13.74 7.31 -0.93
CA ASP A 105 12.35 6.89 -0.77
C ASP A 105 11.35 7.78 -1.49
N CYS A 106 11.84 8.85 -2.11
CA CYS A 106 10.94 9.81 -2.75
C CYS A 106 10.36 9.37 -4.06
N GLY A 107 9.19 9.92 -4.36
CA GLY A 107 8.38 9.46 -5.47
C GLY A 107 7.44 8.39 -4.97
N GLY A 108 7.73 7.85 -3.78
CA GLY A 108 6.89 6.84 -3.16
C GLY A 108 5.50 7.43 -3.05
N LYS A 109 4.51 6.71 -3.60
CA LYS A 109 3.20 7.30 -3.76
C LYS A 109 2.42 7.34 -2.45
N LEU A 110 1.69 8.42 -2.24
CA LEU A 110 0.77 8.52 -1.11
C LEU A 110 -0.65 8.44 -1.62
N LEU A 111 -1.33 7.33 -1.33
CA LEU A 111 -2.68 7.13 -1.82
C LEU A 111 -3.73 7.19 -0.72
N CYS A 112 -4.93 7.63 -1.09
CA CYS A 112 -6.08 7.51 -0.20
C CYS A 112 -7.08 6.59 -0.90
N LYS A 113 -8.34 6.63 -0.48
CA LYS A 113 -9.33 5.71 -1.00
C LYS A 113 -9.71 6.02 -2.45
N HIS A 114 -9.45 7.25 -2.87
CA HIS A 114 -9.90 7.74 -4.17
C HIS A 114 -8.82 7.65 -5.24
N GLY A 115 -7.57 7.77 -4.81
CA GLY A 115 -6.45 7.75 -5.73
C GLY A 115 -5.20 8.30 -5.08
N VAL A 116 -4.28 8.80 -5.91
CA VAL A 116 -3.01 9.28 -5.38
C VAL A 116 -3.10 10.75 -5.03
N ILE A 117 -2.58 11.11 -3.86
CA ILE A 117 -2.69 12.49 -3.40
C ILE A 117 -1.34 13.10 -3.07
N GLY A 118 -0.30 12.28 -3.12
CA GLY A 118 1.03 12.80 -2.90
C GLY A 118 2.17 11.85 -3.22
N ILE A 119 3.36 12.41 -3.26
CA ILE A 119 4.59 11.62 -3.33
C ILE A 119 5.51 12.06 -2.21
N VAL A 120 6.35 11.14 -1.74
CA VAL A 120 7.32 11.44 -0.71
C VAL A 120 8.28 12.53 -1.17
N THR A 121 8.54 13.50 -0.31
CA THR A 121 9.46 14.59 -0.63
C THR A 121 10.52 14.76 0.45
N ALA A 122 10.15 14.52 1.70
CA ALA A 122 11.06 14.69 2.82
C ALA A 122 10.83 13.62 3.89
N GLY A 123 11.89 13.26 4.59
CA GLY A 123 11.81 12.24 5.61
C GLY A 123 12.76 12.46 6.77
N GLY A 124 12.25 12.25 7.97
CA GLY A 124 13.04 12.45 9.16
C GLY A 124 12.70 11.48 10.27
N ASP A 125 12.83 11.96 11.50
CA ASP A 125 12.59 11.15 12.68
C ASP A 125 11.15 10.67 12.76
N ASN A 126 10.90 9.47 12.25
CA ASN A 126 9.60 8.82 12.30
C ASN A 126 8.49 9.66 11.66
N HIS A 127 8.89 10.61 10.83
CA HIS A 127 7.94 11.47 10.13
C HIS A 127 8.36 11.59 8.68
N VAL A 128 7.38 11.45 7.79
CA VAL A 128 7.63 11.53 6.36
C VAL A 128 6.70 12.56 5.72
N ALA A 129 7.28 13.47 4.92
CA ALA A 129 6.52 14.53 4.27
C ALA A 129 6.19 14.17 2.82
N PHE A 130 4.99 14.57 2.40
CA PHE A 130 4.55 14.36 1.02
C PHE A 130 4.20 15.69 0.38
N ILE A 131 4.19 15.73 -0.95
CA ILE A 131 3.70 16.90 -1.67
C ILE A 131 2.20 16.74 -1.88
N ASP A 132 1.42 17.78 -1.57
CA ASP A 132 -0.02 17.66 -1.74
C ASP A 132 -0.40 17.90 -3.21
N LEU A 133 -0.46 16.83 -3.99
CA LEU A 133 -0.73 16.95 -5.42
C LEU A 133 -2.15 17.44 -5.70
N ARG A 134 -3.02 17.41 -4.69
CA ARG A 134 -4.38 17.91 -4.87
C ARG A 134 -4.40 19.43 -5.02
N HIS A 135 -3.39 20.09 -4.46
CA HIS A 135 -3.25 21.53 -4.59
C HIS A 135 -2.73 21.93 -5.97
N PHE A 136 -2.34 20.94 -6.77
CA PHE A 136 -1.83 21.18 -8.12
C PHE A 136 -2.63 20.44 -9.18
N HIS A 137 -3.96 20.48 -9.09
CA HIS A 137 -4.81 19.71 -9.99
C HIS A 137 -6.22 20.28 -10.09
N CYS A 138 -6.88 20.01 -11.21
CA CYS A 138 -8.25 20.49 -11.44
C CYS A 138 -9.26 19.35 -11.54
N ALA A 139 -10.34 19.45 -10.77
CA ALA A 139 -11.41 18.45 -10.78
C ALA A 139 -12.10 18.39 -12.14
N GLY B 1 7.28 -8.36 -1.63
CA GLY B 1 6.94 -7.64 -2.84
C GLY B 1 5.47 -7.23 -2.84
N PRO B 2 5.21 -5.92 -2.85
CA PRO B 2 3.87 -5.34 -2.68
C PRO B 2 2.78 -6.01 -3.52
N SER B 3 3.08 -6.39 -4.76
CA SER B 3 2.06 -6.94 -5.63
C SER B 3 1.94 -8.46 -5.55
N ASP B 4 2.73 -9.08 -4.68
CA ASP B 4 2.75 -10.54 -4.58
C ASP B 4 1.51 -11.07 -3.86
N MET B 5 0.78 -11.97 -4.51
CA MET B 5 -0.48 -12.49 -3.97
C MET B 5 -0.27 -13.60 -2.94
N TYR B 6 0.81 -13.50 -2.17
CA TYR B 6 1.09 -14.47 -1.13
C TYR B 6 1.97 -13.86 -0.06
N VAL B 7 1.99 -14.49 1.11
CA VAL B 7 2.81 -14.01 2.21
C VAL B 7 4.02 -14.92 2.46
N HIS B 8 5.21 -14.32 2.50
CA HIS B 8 6.44 -15.09 2.60
C HIS B 8 7.30 -14.63 3.78
N VAL B 9 7.20 -15.34 4.89
CA VAL B 9 8.02 -15.04 6.08
C VAL B 9 9.08 -16.11 6.30
N GLY B 10 10.34 -15.73 6.12
CA GLY B 10 11.42 -16.69 6.22
C GLY B 10 11.25 -17.76 5.17
N ASN B 11 11.30 -19.03 5.59
CA ASN B 11 11.14 -20.13 4.65
C ASN B 11 9.68 -20.54 4.50
N LEU B 12 8.78 -19.80 5.15
CA LEU B 12 7.35 -20.13 5.17
C LEU B 12 6.52 -19.39 4.11
N ILE B 13 5.52 -20.08 3.57
CA ILE B 13 4.60 -19.49 2.63
C ILE B 13 3.17 -19.53 3.19
N TYR B 14 2.54 -18.36 3.25
CA TYR B 14 1.12 -18.28 3.60
C TYR B 14 0.36 -17.94 2.33
N ARG B 15 -0.58 -18.79 1.95
CA ARG B 15 -1.23 -18.68 0.65
C ARG B 15 -2.66 -19.20 0.71
N ASN B 16 -3.53 -18.61 -0.10
CA ASN B 16 -4.89 -19.10 -0.27
C ASN B 16 -4.91 -20.57 -0.64
N LEU B 17 -5.89 -21.29 -0.12
CA LEU B 17 -5.94 -22.73 -0.32
C LEU B 17 -6.21 -23.09 -1.78
N HIS B 18 -7.19 -22.44 -2.40
CA HIS B 18 -7.56 -22.78 -3.78
C HIS B 18 -6.52 -22.31 -4.79
N LEU B 19 -5.57 -21.50 -4.35
CA LEU B 19 -4.47 -21.06 -5.21
C LEU B 19 -3.34 -22.09 -5.20
N PHE B 20 -3.61 -23.26 -4.66
CA PHE B 20 -2.59 -24.30 -4.58
C PHE B 20 -2.77 -25.34 -5.68
N ASN B 21 -1.66 -25.68 -6.32
CA ASN B 21 -1.62 -26.64 -7.42
C ASN B 21 -0.38 -27.51 -7.32
N SER B 22 0.52 -27.14 -6.41
CA SER B 22 1.87 -27.66 -6.38
C SER B 22 2.02 -28.97 -5.61
N GLU B 23 3.28 -29.33 -5.35
CA GLU B 23 3.65 -30.61 -4.78
C GLU B 23 3.25 -30.77 -3.32
N MET B 24 3.04 -32.03 -2.91
CA MET B 24 2.79 -32.37 -1.52
C MET B 24 4.10 -32.36 -0.74
N HIS B 25 4.11 -31.72 0.42
CA HIS B 25 5.31 -31.59 1.23
C HIS B 25 5.03 -31.96 2.69
N GLU B 26 6.08 -32.32 3.42
CA GLU B 26 5.96 -32.67 4.84
C GLU B 26 5.38 -31.53 5.67
N SER B 27 5.73 -30.30 5.34
CA SER B 27 5.42 -29.15 6.19
C SER B 27 4.05 -28.53 5.90
N ILE B 28 3.34 -29.08 4.92
CA ILE B 28 2.03 -28.54 4.54
C ILE B 28 1.00 -28.62 5.68
N LEU B 29 0.52 -27.45 6.10
CA LEU B 29 -0.61 -27.32 7.01
C LEU B 29 -1.81 -26.77 6.26
N VAL B 30 -3.00 -27.30 6.52
CA VAL B 30 -4.19 -26.79 5.81
C VAL B 30 -5.33 -26.44 6.75
N SER B 31 -5.82 -25.21 6.62
CA SER B 31 -7.02 -24.80 7.34
C SER B 31 -8.19 -24.66 6.38
N TYR B 32 -8.95 -25.74 6.23
CA TYR B 32 -10.12 -25.73 5.35
C TYR B 32 -11.13 -24.68 5.77
N SER B 33 -11.23 -24.45 7.07
CA SER B 33 -12.15 -23.43 7.60
C SER B 33 -11.63 -22.00 7.47
N SER B 34 -10.54 -21.80 6.73
CA SER B 34 -9.98 -20.46 6.58
C SER B 34 -9.42 -20.22 5.18
N ASP B 35 -9.56 -21.22 4.30
CA ASP B 35 -9.05 -21.15 2.94
C ASP B 35 -7.57 -20.79 2.94
N LEU B 36 -6.81 -21.49 3.78
CA LEU B 36 -5.39 -21.18 3.97
C LEU B 36 -4.53 -22.43 3.94
N ILE B 37 -3.41 -22.35 3.24
CA ILE B 37 -2.43 -23.41 3.30
C ILE B 37 -1.09 -22.81 3.70
N ILE B 38 -0.36 -23.52 4.55
CA ILE B 38 0.95 -23.07 4.99
C ILE B 38 1.97 -24.16 4.70
N TYR B 39 3.11 -23.78 4.12
CA TYR B 39 4.17 -24.74 3.86
C TYR B 39 5.55 -24.08 3.81
N ARG B 40 6.60 -24.89 3.89
CA ARG B 40 7.95 -24.36 3.78
C ARG B 40 8.45 -24.43 2.34
N THR B 41 9.36 -23.51 1.98
CA THR B 41 9.92 -23.46 0.63
C THR B 41 11.42 -23.18 0.66
N ASN B 42 12.07 -23.33 -0.50
CA ASN B 42 13.52 -23.22 -0.62
C ASN B 42 14.06 -21.80 -0.56
N THR B 43 13.25 -20.85 -1.01
CA THR B 43 13.66 -19.44 -1.00
C THR B 43 13.19 -18.77 0.28
N VAL B 44 13.67 -17.56 0.53
CA VAL B 44 13.35 -16.85 1.77
C VAL B 44 12.64 -15.53 1.48
N GLY B 45 11.69 -15.16 2.34
CA GLY B 45 10.92 -13.94 2.15
C GLY B 45 11.26 -12.83 3.14
N ASP B 46 10.80 -11.62 2.84
CA ASP B 46 11.08 -10.48 3.71
C ASP B 46 9.82 -10.02 4.46
N ASP B 47 8.71 -10.70 4.21
CA ASP B 47 7.46 -10.39 4.90
C ASP B 47 7.59 -10.69 6.38
N TYR B 48 6.76 -10.02 7.19
CA TYR B 48 6.74 -10.22 8.62
C TYR B 48 5.33 -10.14 9.19
N ILE B 49 4.91 -11.20 9.87
CA ILE B 49 3.61 -11.25 10.52
C ILE B 49 3.72 -10.88 11.99
N PRO B 50 3.21 -9.69 12.36
CA PRO B 50 3.33 -9.17 13.72
C PRO B 50 2.37 -9.82 14.71
N SER B 51 2.69 -9.73 15.99
CA SER B 51 1.80 -10.22 17.04
C SER B 51 1.07 -9.04 17.67
N CYS B 52 0.44 -8.23 16.81
CA CYS B 52 -0.26 -7.02 17.24
C CYS B 52 -1.77 -7.19 17.18
N ASP B 53 -2.48 -6.09 17.38
CA ASP B 53 -3.94 -6.09 17.27
C ASP B 53 -4.44 -4.83 16.55
N CYS B 54 -3.67 -4.39 15.55
CA CYS B 54 -4.02 -3.19 14.78
C CYS B 54 -5.31 -3.34 13.97
N THR B 55 -5.90 -2.21 13.63
CA THR B 55 -7.10 -2.16 12.81
C THR B 55 -6.98 -1.10 11.72
N GLN B 56 -6.16 -0.08 11.99
CA GLN B 56 -5.84 0.91 10.98
C GLN B 56 -4.82 0.31 10.02
N ALA B 57 -5.29 -0.09 8.84
CA ALA B 57 -4.45 -0.84 7.91
C ALA B 57 -4.56 -0.38 6.46
N THR B 58 -4.05 -1.21 5.57
CA THR B 58 -4.06 -0.96 4.12
C THR B 58 -3.85 -2.27 3.38
N TYR B 59 -4.39 -2.37 2.17
CA TYR B 59 -4.27 -3.63 1.42
C TYR B 59 -4.16 -3.42 -0.08
N TYR B 60 -3.79 -4.47 -0.78
CA TYR B 60 -3.55 -4.42 -2.21
C TYR B 60 -4.75 -4.93 -3.00
N CYS B 61 -5.28 -4.08 -3.86
CA CYS B 61 -6.36 -4.51 -4.74
C CYS B 61 -5.82 -4.84 -6.12
N LYS B 62 -5.98 -6.10 -6.50
CA LYS B 62 -5.41 -6.59 -7.76
C LYS B 62 -6.02 -5.92 -8.98
N HIS B 63 -7.34 -6.01 -9.14
CA HIS B 63 -8.00 -5.52 -10.36
C HIS B 63 -7.93 -4.00 -10.52
N LYS B 64 -7.43 -3.31 -9.50
CA LYS B 64 -7.18 -1.87 -9.59
C LYS B 64 -5.67 -1.60 -9.62
N ASN B 65 -4.89 -2.64 -9.35
CA ASN B 65 -3.42 -2.53 -9.24
C ASN B 65 -2.98 -1.32 -8.43
N ARG B 66 -3.51 -1.22 -7.21
CA ARG B 66 -3.16 -0.13 -6.30
C ARG B 66 -3.53 -0.50 -4.86
N TYR B 67 -3.01 0.28 -3.92
CA TYR B 67 -3.30 0.05 -2.51
C TYR B 67 -4.40 0.97 -1.99
N PHE B 68 -5.33 0.38 -1.23
CA PHE B 68 -6.36 1.16 -0.56
C PHE B 68 -6.11 1.14 0.94
N PRO B 69 -6.15 2.32 1.58
CA PRO B 69 -6.16 2.29 3.05
C PRO B 69 -7.49 1.73 3.53
N ILE B 70 -7.47 1.05 4.67
CA ILE B 70 -8.67 0.37 5.14
C ILE B 70 -8.64 0.19 6.66
N THR B 71 -9.78 0.40 7.30
CA THR B 71 -9.94 0.07 8.71
C THR B 71 -10.80 -1.19 8.81
N VAL B 72 -10.27 -2.20 9.50
CA VAL B 72 -10.90 -3.51 9.54
C VAL B 72 -11.35 -3.89 10.95
N THR B 73 -12.29 -4.82 11.01
CA THR B 73 -12.81 -5.32 12.28
C THR B 73 -12.64 -6.83 12.35
N SER B 74 -12.23 -7.33 13.51
CA SER B 74 -11.98 -8.75 13.70
C SER B 74 -13.25 -9.52 14.08
N HIS B 75 -13.52 -10.61 13.36
CA HIS B 75 -14.68 -11.47 13.63
C HIS B 75 -14.25 -12.86 14.06
N ASP B 76 -14.80 -13.33 15.17
CA ASP B 76 -14.52 -14.68 15.66
C ASP B 76 -14.94 -15.72 14.62
N TRP B 77 -16.12 -15.51 14.04
CA TRP B 77 -16.63 -16.38 12.99
C TRP B 77 -17.58 -15.59 12.11
N TYR B 78 -17.86 -16.09 10.91
CA TYR B 78 -18.74 -15.39 9.98
C TYR B 78 -19.25 -16.36 8.93
N GLU B 79 -20.54 -16.24 8.60
CA GLU B 79 -21.14 -17.08 7.58
C GLU B 79 -20.68 -16.63 6.21
N ILE B 80 -19.76 -17.39 5.62
CA ILE B 80 -19.33 -17.11 4.27
C ILE B 80 -20.19 -17.97 3.34
N GLN B 81 -21.03 -17.31 2.54
CA GLN B 81 -22.01 -18.00 1.71
C GLN B 81 -21.35 -18.76 0.57
N GLU B 82 -22.17 -19.23 -0.36
CA GLU B 82 -21.68 -20.08 -1.44
C GLU B 82 -21.55 -19.36 -2.79
N SER B 83 -20.35 -19.39 -3.35
CA SER B 83 -20.13 -19.01 -4.74
C SER B 83 -20.06 -20.29 -5.59
N GLU B 84 -19.85 -20.14 -6.90
CA GLU B 84 -19.85 -21.28 -7.82
C GLU B 84 -18.85 -22.38 -7.45
N TYR B 85 -17.67 -21.97 -6.99
CA TYR B 85 -16.58 -22.89 -6.70
C TYR B 85 -16.76 -23.67 -5.39
N TYR B 86 -17.12 -22.97 -4.32
CA TYR B 86 -17.19 -23.60 -3.00
C TYR B 86 -18.45 -23.21 -2.22
N PRO B 87 -18.87 -24.05 -1.25
CA PRO B 87 -20.20 -23.88 -0.67
C PRO B 87 -20.29 -22.81 0.41
N LYS B 88 -21.46 -22.71 1.02
CA LYS B 88 -21.70 -21.77 2.11
C LYS B 88 -21.24 -22.38 3.43
N HIS B 89 -20.06 -22.00 3.89
CA HIS B 89 -19.50 -22.56 5.12
C HIS B 89 -19.21 -21.47 6.16
N ILE B 90 -18.64 -21.89 7.28
CA ILE B 90 -18.26 -20.96 8.34
C ILE B 90 -16.76 -20.76 8.31
N GLN B 91 -16.33 -19.50 8.22
CA GLN B 91 -14.91 -19.19 8.20
C GLN B 91 -14.53 -18.46 9.49
N TYR B 92 -13.49 -18.94 10.16
CA TYR B 92 -13.09 -18.38 11.44
C TYR B 92 -11.98 -17.34 11.30
N ASN B 93 -11.89 -16.46 12.30
CA ASN B 93 -10.84 -15.44 12.35
C ASN B 93 -10.75 -14.60 11.09
N LEU B 94 -11.79 -13.82 10.83
CA LEU B 94 -11.81 -12.98 9.64
C LEU B 94 -11.49 -11.54 9.99
N LEU B 95 -11.07 -10.77 8.99
CA LEU B 95 -10.96 -9.33 9.12
C LEU B 95 -11.83 -8.69 8.05
N ILE B 96 -12.60 -7.68 8.43
CA ILE B 96 -13.50 -7.02 7.47
C ILE B 96 -13.49 -5.50 7.57
N GLY B 97 -13.32 -4.87 6.42
CA GLY B 97 -13.48 -3.44 6.27
C GLY B 97 -14.16 -3.24 4.92
N GLU B 98 -14.48 -2.01 4.56
CA GLU B 98 -15.09 -1.76 3.26
C GLU B 98 -14.02 -1.43 2.22
N GLY B 99 -14.20 -2.00 1.03
CA GLY B 99 -13.24 -1.83 -0.05
C GLY B 99 -13.67 -2.62 -1.26
N PRO B 100 -13.12 -2.28 -2.44
CA PRO B 100 -13.46 -2.96 -3.70
C PRO B 100 -12.98 -4.40 -3.72
N CYS B 101 -13.76 -5.27 -4.35
CA CYS B 101 -13.35 -6.65 -4.53
C CYS B 101 -13.90 -7.25 -5.80
N GLU B 102 -13.07 -8.02 -6.49
CA GLU B 102 -13.41 -8.63 -7.77
C GLU B 102 -12.60 -9.91 -7.92
N PRO B 103 -13.18 -10.95 -8.56
CA PRO B 103 -12.49 -12.22 -8.79
C PRO B 103 -11.04 -12.08 -9.27
N GLY B 104 -10.15 -12.84 -8.64
CA GLY B 104 -8.74 -12.80 -8.96
C GLY B 104 -7.96 -11.94 -7.99
N ASP B 105 -8.61 -11.52 -6.91
CA ASP B 105 -7.98 -10.61 -5.96
C ASP B 105 -7.48 -11.31 -4.70
N CYS B 106 -7.71 -12.61 -4.59
CA CYS B 106 -7.27 -13.34 -3.41
C CYS B 106 -5.76 -13.40 -3.34
N GLY B 107 -5.23 -13.23 -2.14
CA GLY B 107 -3.80 -13.20 -1.93
C GLY B 107 -3.32 -11.78 -1.69
N GLY B 108 -4.13 -10.81 -2.07
CA GLY B 108 -3.83 -9.41 -1.85
C GLY B 108 -3.49 -9.15 -0.40
N LYS B 109 -2.27 -8.70 -0.13
CA LYS B 109 -1.79 -8.56 1.23
C LYS B 109 -2.50 -7.43 1.97
N LEU B 110 -2.72 -7.64 3.26
CA LEU B 110 -3.28 -6.63 4.15
C LEU B 110 -2.24 -6.31 5.21
N LEU B 111 -1.87 -5.04 5.32
CA LEU B 111 -0.76 -4.68 6.19
C LEU B 111 -1.09 -3.57 7.16
N CYS B 112 -0.56 -3.66 8.36
CA CYS B 112 -0.61 -2.52 9.27
C CYS B 112 0.78 -1.91 9.33
N LYS B 113 1.03 -1.10 10.36
CA LYS B 113 2.32 -0.42 10.45
C LYS B 113 3.45 -1.38 10.82
N HIS B 114 3.09 -2.59 11.22
CA HIS B 114 4.07 -3.56 11.71
C HIS B 114 4.44 -4.61 10.68
N GLY B 115 3.56 -4.85 9.71
CA GLY B 115 3.79 -5.88 8.73
C GLY B 115 2.50 -6.46 8.18
N VAL B 116 2.61 -7.60 7.50
CA VAL B 116 1.44 -8.22 6.89
C VAL B 116 0.63 -8.94 7.94
N ILE B 117 -0.67 -8.67 7.99
CA ILE B 117 -1.52 -9.31 8.97
C ILE B 117 -2.58 -10.20 8.32
N GLY B 118 -2.77 -10.07 7.01
CA GLY B 118 -3.68 -10.97 6.34
C GLY B 118 -3.65 -10.91 4.82
N ILE B 119 -4.51 -11.72 4.20
CA ILE B 119 -4.65 -11.71 2.74
C ILE B 119 -6.12 -11.84 2.34
N VAL B 120 -6.48 -11.24 1.19
CA VAL B 120 -7.85 -11.30 0.68
C VAL B 120 -8.31 -12.74 0.47
N THR B 121 -9.47 -13.10 1.00
CA THR B 121 -10.03 -14.44 0.81
C THR B 121 -11.39 -14.41 0.15
N ALA B 122 -12.14 -13.34 0.40
CA ALA B 122 -13.46 -13.15 -0.19
C ALA B 122 -13.90 -11.70 -0.04
N GLY B 123 -14.91 -11.33 -0.84
CA GLY B 123 -15.47 -9.99 -0.77
C GLY B 123 -16.88 -9.92 -1.31
N GLY B 124 -17.46 -8.73 -1.30
CA GLY B 124 -18.79 -8.54 -1.82
C GLY B 124 -18.99 -7.13 -2.34
N ASP B 125 -20.22 -6.65 -2.27
CA ASP B 125 -20.52 -5.29 -2.70
C ASP B 125 -19.91 -4.30 -1.72
N ASN B 126 -18.78 -3.72 -2.13
CA ASN B 126 -18.10 -2.68 -1.37
C ASN B 126 -17.59 -3.11 0.01
N HIS B 127 -17.42 -4.42 0.20
CA HIS B 127 -16.82 -4.93 1.43
C HIS B 127 -15.94 -6.14 1.13
N VAL B 128 -14.77 -6.17 1.77
CA VAL B 128 -13.77 -7.20 1.47
C VAL B 128 -13.30 -7.89 2.76
N ALA B 129 -13.07 -9.20 2.68
CA ALA B 129 -12.68 -10.00 3.84
C ALA B 129 -11.26 -10.57 3.72
N PHE B 130 -10.56 -10.61 4.85
CA PHE B 130 -9.18 -11.10 4.89
C PHE B 130 -8.99 -12.20 5.93
N ILE B 131 -8.15 -13.17 5.61
CA ILE B 131 -7.71 -14.16 6.60
C ILE B 131 -6.78 -13.50 7.62
N ASP B 132 -7.07 -13.65 8.90
CA ASP B 132 -6.20 -13.07 9.93
C ASP B 132 -5.01 -13.97 10.17
N LEU B 133 -3.88 -13.62 9.59
CA LEU B 133 -2.68 -14.46 9.65
C LEU B 133 -2.04 -14.44 11.02
N ARG B 134 -2.32 -13.38 11.79
CA ARG B 134 -1.78 -13.27 13.14
C ARG B 134 -2.14 -14.47 14.01
N HIS B 135 -3.24 -15.14 13.67
CA HIS B 135 -3.71 -16.29 14.43
C HIS B 135 -2.92 -17.56 14.11
N PHE B 136 -2.34 -17.61 12.92
CA PHE B 136 -1.59 -18.78 12.47
C PHE B 136 -0.08 -18.60 12.58
N HIS B 137 0.36 -17.69 13.45
CA HIS B 137 1.78 -17.38 13.59
C HIS B 137 2.18 -17.28 15.05
N CYS B 138 3.41 -17.68 15.36
CA CYS B 138 3.91 -17.61 16.74
C CYS B 138 4.77 -16.39 16.98
N ALA B 139 4.58 -15.77 18.15
CA ALA B 139 5.30 -14.55 18.51
C ALA B 139 6.81 -14.76 18.54
C10 S7N C . 16.12 16.49 0.38
C20 S7N C . 11.41 16.02 7.99
C21 S7N C . 10.56 14.96 8.40
C22 S7N C . 9.19 15.18 8.52
C24 S7N C . 9.50 17.47 7.82
C26 S7N C . 17.11 15.23 5.43
C28 S7N C . 17.80 16.56 5.12
C01 S7N C . 21.14 11.95 -2.22
C03 S7N C . 18.24 12.10 -2.01
C04 S7N C . 16.99 11.52 -1.30
C05 S7N C . 15.80 12.45 -1.58
C07 S7N C . 16.26 13.93 0.59
C09 S7N C . 15.74 15.27 1.22
C12 S7N C . 15.27 15.09 3.62
C14 S7N C . 15.63 15.27 5.11
C16 S7N C . 14.89 16.89 6.98
C19 S7N C . 12.91 15.79 7.85
C23 S7N C . 8.65 16.42 8.24
C25 S7N C . 10.87 17.26 7.71
C27 S7N C . 17.84 14.00 4.84
C29 S7N C . 14.42 11.80 -1.46
C30 S7N C . 13.28 12.84 -1.44
N06 S7N C . 15.64 13.59 -0.71
N11 S7N C . 16.18 15.45 2.58
N15 S7N C . 15.09 16.56 5.54
O08 S7N C . 17.13 13.26 1.15
O13 S7N C . 14.19 14.65 3.32
O17 S7N C . 15.86 17.03 7.74
O18 S7N C . 13.54 17.04 7.48
O31 S7N C . 14.23 10.61 -1.37
S02 S7N C . 19.66 11.08 -1.71
ZN ZN D . -9.60 10.95 -0.67
C10 S7Q E . -16.15 -15.46 -4.76
C20 S7Q E . -18.39 -10.07 2.96
C21 S7Q E . -18.51 -8.77 3.51
C22 S7Q E . -18.28 -8.57 4.87
C24 S7Q E . -17.84 -10.94 5.12
C26 S7Q E . -18.86 -15.68 -0.89
C28 S7Q E . -18.03 -16.96 -0.70
C01 S7Q E . -15.74 -11.11 -4.28
C03 S7Q E . -13.14 -12.25 -4.79
C04 S7Q E . -13.10 -13.60 -5.54
C05 S7Q E . -12.13 -14.55 -4.81
C07 S7Q E . -14.04 -15.86 -3.40
C09 S7Q E . -15.33 -14.97 -3.56
C12 S7Q E . -17.24 -14.27 -2.11
C14 S7Q E . -18.03 -14.43 -0.79
C16 S7Q E . -19.04 -12.56 0.73
C19 S7Q E . -18.65 -10.30 1.47
C23 S7Q E . -17.95 -9.64 5.67
C25 S7Q E . -18.07 -11.14 3.75
C27 S7Q E . -20.05 -15.63 0.07
C29 S7Q E . -11.17 -15.17 -5.82
C30 S7Q E . -9.74 -15.49 -5.34
N06 S7Q E . -12.69 -15.61 -3.98
N11 S7Q E . -16.09 -15.06 -2.35
N15 S7Q E . -18.91 -13.26 -0.58
O08 S7Q E . -14.18 -16.88 -2.73
O13 S7Q E . -17.65 -13.48 -2.93
O17 S7Q E . -19.99 -12.82 1.47
O18 S7Q E . -18.07 -11.59 1.16
O31 S7Q E . -11.51 -15.41 -6.96
S02 S7Q E . -14.43 -11.26 -5.49
ZN ZN F . 0.05 -3.95 13.79
#